data_8Z0C
#
_entry.id   8Z0C
#
_cell.length_a   59.840
_cell.length_b   65.520
_cell.length_c   100.890
_cell.angle_alpha   90.00
_cell.angle_beta   90.00
_cell.angle_gamma   90.00
#
_symmetry.space_group_name_H-M   'P 21 21 21'
#
loop_
_entity.id
_entity.type
_entity.pdbx_description
1 polymer 'TetR family transcriptional regulator'
2 non-polymer SPERMIDINE
3 water water
#
_entity_poly.entity_id   1
_entity_poly.type   'polypeptide(L)'
_entity_poly.pdbx_seq_one_letter_code
;DQRREMILQAAMQIALAEGFTAMTVRRIATEAQTSTGQVHHHFSSASHLKAEAFLKLMEQLDEIEQTLQTTSQFQRLFIL
LGAENIDRLQPYLRLWNEAELLIEQDIEIQKAYNLAMQSWHQAIVQSIECGQKEGEFKNRSNSTDIAWRLIAFVCGLEGI
YKLGLQGLAEEDFKRHTEAIIRLELL
;
_entity_poly.pdbx_strand_id   A,B
#
loop_
_chem_comp.id
_chem_comp.type
_chem_comp.name
_chem_comp.formula
SPD non-polymer SPERMIDINE 'C7 H19 N3'
#
# COMPACT_ATOMS: atom_id res chain seq x y z
N ASP A 1 -34.75 -11.09 14.97
CA ASP A 1 -35.70 -10.25 14.24
C ASP A 1 -35.74 -10.67 12.77
N GLN A 2 -36.77 -10.20 12.04
CA GLN A 2 -36.94 -10.48 10.62
C GLN A 2 -37.00 -9.23 9.76
N ARG A 3 -37.73 -8.19 10.19
CA ARG A 3 -37.82 -6.98 9.38
C ARG A 3 -36.48 -6.24 9.33
N ARG A 4 -35.67 -6.40 10.38
CA ARG A 4 -34.36 -5.75 10.41
C ARG A 4 -33.41 -6.40 9.43
N GLU A 5 -33.27 -7.73 9.52
CA GLU A 5 -32.36 -8.44 8.63
C GLU A 5 -32.80 -8.32 7.18
N MET A 6 -34.09 -8.09 6.94
CA MET A 6 -34.56 -7.94 5.57
C MET A 6 -34.17 -6.58 4.99
N ILE A 7 -34.04 -5.57 5.85
CA ILE A 7 -33.42 -4.32 5.43
C ILE A 7 -31.91 -4.53 5.26
N LEU A 8 -31.33 -5.37 6.11
CA LEU A 8 -29.89 -5.62 6.05
C LEU A 8 -29.47 -6.19 4.70
N GLN A 9 -30.31 -7.03 4.10
CA GLN A 9 -29.95 -7.56 2.78
C GLN A 9 -30.31 -6.58 1.68
N ALA A 10 -31.28 -5.69 1.92
CA ALA A 10 -31.48 -4.57 1.01
C ALA A 10 -30.22 -3.74 0.93
N ALA A 11 -29.68 -3.33 2.08
CA ALA A 11 -28.36 -2.70 2.14
C ALA A 11 -27.34 -3.52 1.36
N MET A 12 -27.31 -4.83 1.60
CA MET A 12 -26.32 -5.70 0.99
C MET A 12 -26.37 -5.62 -0.54
N GLN A 13 -27.57 -5.65 -1.12
CA GLN A 13 -27.67 -5.60 -2.58
C GLN A 13 -27.13 -4.29 -3.12
N ILE A 14 -27.64 -3.17 -2.59
CA ILE A 14 -27.17 -1.85 -3.00
C ILE A 14 -25.67 -1.73 -2.74
N ALA A 15 -25.20 -2.15 -1.56
CA ALA A 15 -23.78 -2.12 -1.27
C ALA A 15 -22.98 -2.82 -2.35
N LEU A 16 -23.36 -4.06 -2.65
CA LEU A 16 -22.54 -4.91 -3.51
C LEU A 16 -22.61 -4.47 -4.96
N ALA A 17 -23.73 -3.84 -5.37
CA ALA A 17 -23.93 -3.41 -6.74
C ALA A 17 -23.60 -1.93 -6.97
N GLU A 18 -24.01 -1.03 -6.07
CA GLU A 18 -23.80 0.39 -6.26
C GLU A 18 -22.94 1.03 -5.16
N GLY A 19 -22.33 0.25 -4.30
CA GLY A 19 -21.39 0.84 -3.37
C GLY A 19 -22.08 1.52 -2.18
N PHE A 20 -21.27 2.27 -1.44
CA PHE A 20 -21.76 2.84 -0.19
C PHE A 20 -22.58 4.10 -0.43
N THR A 21 -22.19 4.91 -1.41
CA THR A 21 -22.79 6.23 -1.57
C THR A 21 -24.25 6.16 -2.02
N ALA A 22 -24.71 5.00 -2.51
CA ALA A 22 -26.11 4.74 -2.81
C ALA A 22 -26.87 4.16 -1.62
N MET A 23 -26.19 3.86 -0.52
CA MET A 23 -26.83 3.31 0.68
C MET A 23 -27.36 4.45 1.53
N THR A 24 -28.54 4.93 1.16
CA THR A 24 -29.25 5.93 1.95
C THR A 24 -30.44 5.30 2.64
N VAL A 25 -30.71 5.77 3.86
CA VAL A 25 -31.86 5.30 4.61
C VAL A 25 -33.12 5.33 3.74
N ARG A 26 -33.21 6.28 2.80
CA ARG A 26 -34.35 6.34 1.90
C ARG A 26 -34.31 5.17 0.92
N ARG A 27 -33.24 5.06 0.13
CA ARG A 27 -33.22 4.09 -0.98
C ARG A 27 -33.18 2.64 -0.48
N ILE A 28 -32.66 2.38 0.72
CA ILE A 28 -32.74 1.02 1.23
C ILE A 28 -34.08 0.76 1.94
N ALA A 29 -34.77 1.80 2.40
CA ALA A 29 -36.17 1.62 2.79
C ALA A 29 -37.05 1.37 1.58
N THR A 30 -36.65 1.88 0.40
CA THR A 30 -37.42 1.69 -0.83
C THR A 30 -37.36 0.24 -1.33
N GLU A 31 -36.16 -0.35 -1.35
CA GLU A 31 -36.03 -1.70 -1.88
C GLU A 31 -36.31 -2.77 -0.84
N ALA A 32 -36.05 -2.50 0.44
CA ALA A 32 -36.65 -3.31 1.49
C ALA A 32 -38.16 -3.25 1.45
N GLN A 33 -38.72 -2.16 0.88
CA GLN A 33 -40.16 -1.92 0.82
C GLN A 33 -40.77 -1.85 2.22
N THR A 34 -40.17 -0.99 3.06
CA THR A 34 -40.75 -0.62 4.34
C THR A 34 -40.85 0.91 4.32
N SER A 35 -40.85 1.52 5.48
CA SER A 35 -40.80 2.96 5.59
C SER A 35 -39.37 3.42 5.85
N THR A 36 -39.09 4.69 5.57
CA THR A 36 -37.83 5.26 6.00
C THR A 36 -37.70 5.19 7.52
N GLY A 37 -38.81 5.41 8.25
CA GLY A 37 -38.76 5.45 9.70
C GLY A 37 -38.44 4.11 10.33
N GLN A 38 -38.85 3.02 9.68
CA GLN A 38 -38.49 1.68 10.15
C GLN A 38 -36.99 1.42 10.02
N VAL A 39 -36.33 2.03 9.04
CA VAL A 39 -34.88 1.89 8.95
C VAL A 39 -34.20 2.66 10.08
N HIS A 40 -34.68 3.87 10.41
CA HIS A 40 -34.14 4.61 11.56
C HIS A 40 -34.24 3.76 12.81
N HIS A 41 -35.34 3.03 12.93
CA HIS A 41 -35.72 2.23 14.08
C HIS A 41 -34.61 1.28 14.51
N HIS A 42 -34.31 0.29 13.65
CA HIS A 42 -33.36 -0.76 14.01
C HIS A 42 -31.94 -0.21 14.19
N PHE A 43 -31.36 0.35 13.12
CA PHE A 43 -29.98 0.77 13.11
C PHE A 43 -29.82 2.19 13.67
N SER A 44 -28.78 2.39 14.49
CA SER A 44 -28.69 3.63 15.24
C SER A 44 -28.13 4.81 14.43
N SER A 45 -27.71 4.57 13.18
CA SER A 45 -27.24 5.61 12.26
C SER A 45 -26.97 4.96 10.92
N ALA A 46 -26.98 5.78 9.86
CA ALA A 46 -26.76 5.25 8.52
C ALA A 46 -25.33 4.75 8.33
N SER A 47 -24.37 5.39 9.02
CA SER A 47 -23.01 4.91 8.96
C SER A 47 -22.86 3.58 9.71
N HIS A 48 -23.62 3.42 10.80
CA HIS A 48 -23.65 2.13 11.52
C HIS A 48 -24.23 1.04 10.64
N LEU A 49 -25.28 1.35 9.89
CA LEU A 49 -25.85 0.37 8.99
C LEU A 49 -25.01 0.18 7.73
N LYS A 50 -24.16 1.13 7.36
CA LYS A 50 -23.25 0.90 6.25
C LYS A 50 -22.16 -0.10 6.64
N ALA A 51 -21.62 0.06 7.85
CA ALA A 51 -20.54 -0.82 8.29
C ALA A 51 -21.05 -2.22 8.57
N GLU A 52 -22.23 -2.31 9.19
CA GLU A 52 -22.88 -3.59 9.46
C GLU A 52 -23.18 -4.35 8.16
N ALA A 53 -23.60 -3.64 7.11
CA ALA A 53 -23.82 -4.34 5.84
C ALA A 53 -22.51 -4.73 5.17
N PHE A 54 -21.39 -4.08 5.53
CA PHE A 54 -20.10 -4.44 4.96
C PHE A 54 -19.55 -5.70 5.63
N LEU A 55 -19.33 -5.63 6.95
CA LEU A 55 -18.85 -6.74 7.75
C LEU A 55 -19.55 -8.04 7.41
N LYS A 56 -20.86 -8.02 7.50
CA LYS A 56 -21.67 -9.18 7.21
C LYS A 56 -21.56 -9.60 5.74
N LEU A 57 -21.12 -8.72 4.84
CA LEU A 57 -20.89 -9.11 3.45
C LEU A 57 -19.47 -9.67 3.26
N MET A 58 -18.51 -9.22 4.07
CA MET A 58 -17.18 -9.82 4.04
C MET A 58 -17.24 -11.23 4.60
N GLU A 59 -18.03 -11.42 5.67
CA GLU A 59 -18.24 -12.77 6.17
C GLU A 59 -19.00 -13.61 5.15
N GLN A 60 -19.78 -12.99 4.27
CA GLN A 60 -20.32 -13.73 3.14
C GLN A 60 -19.22 -14.08 2.13
N LEU A 61 -18.19 -13.24 2.02
CA LEU A 61 -17.09 -13.52 1.10
C LEU A 61 -16.33 -14.77 1.53
N ASP A 62 -15.90 -14.79 2.78
CA ASP A 62 -14.97 -15.80 3.21
C ASP A 62 -15.64 -17.16 3.41
N GLU A 63 -16.96 -17.18 3.59
CA GLU A 63 -17.66 -18.44 3.80
C GLU A 63 -18.33 -18.96 2.53
N ILE A 64 -18.45 -18.13 1.49
CA ILE A 64 -18.49 -18.73 0.17
C ILE A 64 -17.09 -19.13 -0.26
N GLU A 65 -16.06 -18.59 0.38
CA GLU A 65 -14.69 -18.97 0.05
C GLU A 65 -14.32 -20.34 0.61
N GLN A 66 -14.88 -20.70 1.77
CA GLN A 66 -14.68 -22.03 2.33
C GLN A 66 -15.44 -23.11 1.58
N THR A 67 -16.21 -22.76 0.54
CA THR A 67 -16.98 -23.76 -0.20
C THR A 67 -16.32 -24.17 -1.50
N LEU A 68 -15.52 -23.30 -2.14
CA LEU A 68 -14.87 -23.68 -3.40
C LEU A 68 -14.02 -24.94 -3.21
N GLN A 69 -14.26 -25.92 -4.09
CA GLN A 69 -13.36 -27.07 -4.19
C GLN A 69 -12.03 -26.58 -4.73
N THR A 70 -11.01 -26.59 -3.88
CA THR A 70 -9.62 -26.38 -4.25
C THR A 70 -8.95 -27.72 -4.54
N THR A 71 -7.89 -27.70 -5.34
CA THR A 71 -7.09 -28.90 -5.53
C THR A 71 -5.92 -29.00 -4.55
N SER A 72 -5.19 -27.91 -4.31
CA SER A 72 -4.06 -27.89 -3.40
C SER A 72 -4.27 -26.80 -2.38
N GLN A 73 -3.48 -26.83 -1.30
CA GLN A 73 -3.53 -25.69 -0.39
C GLN A 73 -2.87 -24.45 -0.99
N PHE A 74 -1.94 -24.62 -1.93
CA PHE A 74 -1.38 -23.47 -2.63
C PHE A 74 -2.46 -22.74 -3.42
N GLN A 75 -3.35 -23.49 -4.05
CA GLN A 75 -4.41 -22.87 -4.83
C GLN A 75 -5.43 -22.17 -3.92
N ARG A 76 -5.73 -22.76 -2.76
CA ARG A 76 -6.67 -22.15 -1.83
C ARG A 76 -6.08 -20.91 -1.18
N LEU A 77 -4.76 -20.89 -0.99
CA LEU A 77 -4.11 -19.70 -0.48
C LEU A 77 -4.16 -18.58 -1.51
N PHE A 78 -3.98 -18.93 -2.79
CA PHE A 78 -3.96 -17.94 -3.86
C PHE A 78 -5.30 -17.22 -3.96
N ILE A 79 -6.40 -17.98 -3.85
CA ILE A 79 -7.72 -17.38 -3.84
C ILE A 79 -7.89 -16.53 -2.58
N LEU A 80 -7.47 -17.05 -1.42
CA LEU A 80 -7.61 -16.31 -0.17
C LEU A 80 -6.92 -14.95 -0.24
N LEU A 81 -5.73 -14.89 -0.83
CA LEU A 81 -5.02 -13.62 -0.94
C LEU A 81 -5.76 -12.62 -1.81
N GLY A 82 -6.74 -13.07 -2.60
CA GLY A 82 -7.37 -12.28 -3.60
C GLY A 82 -6.66 -12.28 -4.93
N ALA A 83 -5.55 -13.02 -5.03
CA ALA A 83 -4.71 -13.02 -6.22
C ALA A 83 -5.34 -13.76 -7.41
N GLU A 84 -6.42 -14.50 -7.19
CA GLU A 84 -7.04 -15.19 -8.31
C GLU A 84 -8.14 -14.35 -8.96
N ASN A 85 -8.89 -13.62 -8.15
CA ASN A 85 -9.90 -12.70 -8.66
C ASN A 85 -10.88 -13.44 -9.58
N ILE A 86 -11.64 -14.33 -8.94
CA ILE A 86 -12.71 -15.00 -9.62
C ILE A 86 -13.93 -14.06 -9.72
N ASP A 87 -14.77 -14.34 -10.71
CA ASP A 87 -15.91 -13.47 -11.02
C ASP A 87 -16.88 -13.37 -9.85
N ARG A 88 -17.30 -14.53 -9.32
CA ARG A 88 -18.32 -14.57 -8.27
C ARG A 88 -17.96 -13.68 -7.08
N LEU A 89 -16.67 -13.46 -6.83
CA LEU A 89 -16.25 -12.68 -5.68
C LEU A 89 -15.85 -11.25 -6.04
N GLN A 90 -15.61 -10.98 -7.33
CA GLN A 90 -15.25 -9.64 -7.82
C GLN A 90 -15.92 -8.49 -7.07
N PRO A 91 -17.24 -8.46 -6.90
CA PRO A 91 -17.85 -7.28 -6.27
C PRO A 91 -17.64 -7.22 -4.76
N TYR A 92 -17.57 -8.36 -4.08
CA TYR A 92 -17.18 -8.33 -2.67
C TYR A 92 -15.80 -7.72 -2.50
N LEU A 93 -14.90 -7.98 -3.46
CA LEU A 93 -13.60 -7.33 -3.44
C LEU A 93 -13.70 -5.86 -3.85
N ARG A 94 -14.68 -5.52 -4.68
CA ARG A 94 -14.96 -4.12 -4.98
C ARG A 94 -15.30 -3.34 -3.71
N LEU A 95 -16.27 -3.83 -2.94
CA LEU A 95 -16.67 -3.16 -1.72
C LEU A 95 -15.50 -3.04 -0.74
N TRP A 96 -14.68 -4.10 -0.64
CA TRP A 96 -13.52 -4.07 0.26
C TRP A 96 -12.65 -2.85 -0.03
N ASN A 97 -12.49 -2.51 -1.30
CA ASN A 97 -11.58 -1.44 -1.66
C ASN A 97 -12.23 -0.08 -1.44
N GLU A 98 -13.52 0.06 -1.76
CA GLU A 98 -14.26 1.26 -1.38
C GLU A 98 -14.15 1.49 0.13
N ALA A 99 -14.41 0.45 0.92
CA ALA A 99 -14.26 0.55 2.38
C ALA A 99 -12.86 1.05 2.77
N GLU A 100 -11.83 0.59 2.06
CA GLU A 100 -10.46 0.94 2.44
C GLU A 100 -10.23 2.43 2.31
N LEU A 101 -10.88 3.06 1.33
CA LEU A 101 -10.78 4.50 1.11
C LEU A 101 -11.70 5.30 2.04
N LEU A 102 -12.79 4.71 2.53
CA LEU A 102 -13.68 5.46 3.40
C LEU A 102 -13.26 5.43 4.85
N ILE A 103 -12.15 4.78 5.21
CA ILE A 103 -11.81 4.64 6.62
C ILE A 103 -11.36 5.95 7.25
N GLU A 104 -11.01 6.96 6.47
CA GLU A 104 -10.62 8.23 7.06
C GLU A 104 -11.78 9.17 7.31
N GLN A 105 -12.95 8.89 6.74
CA GLN A 105 -14.12 9.74 6.92
C GLN A 105 -15.14 9.16 7.89
N ASP A 106 -15.25 7.83 7.96
CA ASP A 106 -16.41 7.17 8.57
C ASP A 106 -15.88 6.08 9.47
N ILE A 107 -15.89 6.28 10.79
CA ILE A 107 -15.20 5.32 11.65
C ILE A 107 -15.99 4.04 11.91
N GLU A 108 -17.29 4.03 11.64
CA GLU A 108 -17.98 2.75 11.62
C GLU A 108 -17.40 1.87 10.51
N ILE A 109 -17.19 2.44 9.33
CA ILE A 109 -16.59 1.71 8.22
C ILE A 109 -15.15 1.34 8.55
N GLN A 110 -14.44 2.25 9.22
CA GLN A 110 -13.05 2.02 9.60
C GLN A 110 -12.93 0.92 10.66
N LYS A 111 -13.90 0.84 11.57
CA LYS A 111 -13.94 -0.29 12.50
C LYS A 111 -14.18 -1.59 11.75
N ALA A 112 -15.23 -1.64 10.93
CA ALA A 112 -15.55 -2.82 10.14
C ALA A 112 -14.35 -3.30 9.32
N TYR A 113 -13.63 -2.35 8.71
CA TYR A 113 -12.47 -2.69 7.90
C TYR A 113 -11.39 -3.37 8.72
N ASN A 114 -11.13 -2.86 9.92
CA ASN A 114 -10.13 -3.49 10.75
C ASN A 114 -10.57 -4.86 11.26
N LEU A 115 -11.87 -5.14 11.27
CA LEU A 115 -12.35 -6.48 11.62
C LEU A 115 -12.22 -7.43 10.43
N ALA A 116 -12.54 -6.94 9.24
CA ALA A 116 -12.37 -7.75 8.05
C ALA A 116 -10.90 -8.16 7.89
N MET A 117 -9.99 -7.20 8.05
CA MET A 117 -8.58 -7.52 7.83
C MET A 117 -8.09 -8.53 8.86
N GLN A 118 -8.53 -8.38 10.11
CA GLN A 118 -8.05 -9.30 11.14
C GLN A 118 -8.47 -10.74 10.83
N SER A 119 -9.68 -10.92 10.30
CA SER A 119 -10.15 -12.25 9.92
C SER A 119 -9.44 -12.74 8.66
N TRP A 120 -9.21 -11.86 7.69
CA TRP A 120 -8.39 -12.21 6.54
C TRP A 120 -7.04 -12.77 6.98
N HIS A 121 -6.40 -12.11 7.96
CA HIS A 121 -5.11 -12.58 8.45
C HIS A 121 -5.23 -13.96 9.09
N GLN A 122 -6.21 -14.12 9.98
CA GLN A 122 -6.37 -15.44 10.60
C GLN A 122 -6.87 -16.49 9.61
N ALA A 123 -7.46 -16.07 8.49
CA ALA A 123 -7.86 -17.04 7.47
C ALA A 123 -6.66 -17.52 6.67
N ILE A 124 -5.67 -16.64 6.44
CA ILE A 124 -4.44 -17.06 5.78
C ILE A 124 -3.57 -17.86 6.75
N VAL A 125 -3.49 -17.41 8.01
CA VAL A 125 -2.83 -18.17 9.07
C VAL A 125 -3.38 -19.58 9.16
N GLN A 126 -4.68 -19.75 8.91
CA GLN A 126 -5.27 -21.09 8.97
C GLN A 126 -4.94 -21.89 7.71
N SER A 127 -4.74 -21.22 6.58
CA SER A 127 -4.38 -21.90 5.35
C SER A 127 -2.92 -22.36 5.35
N ILE A 128 -2.05 -21.58 5.99
CA ILE A 128 -0.63 -21.92 6.08
C ILE A 128 -0.46 -23.13 6.99
N GLU A 129 -0.95 -23.02 8.22
CA GLU A 129 -0.79 -24.09 9.19
C GLU A 129 -1.44 -25.39 8.71
N CYS A 130 -2.54 -25.30 7.98
CA CYS A 130 -3.16 -26.51 7.44
C CYS A 130 -2.28 -27.14 6.37
N GLY A 131 -1.77 -26.35 5.44
CA GLY A 131 -0.88 -26.90 4.44
C GLY A 131 0.40 -27.45 5.06
N GLN A 132 0.84 -26.85 6.17
CA GLN A 132 2.05 -27.30 6.82
C GLN A 132 1.82 -28.64 7.52
N LYS A 133 0.72 -28.77 8.26
CA LYS A 133 0.39 -30.02 8.92
C LYS A 133 -0.06 -31.11 7.94
N GLU A 134 -0.07 -30.83 6.63
CA GLU A 134 -0.50 -31.82 5.64
C GLU A 134 0.59 -32.16 4.63
N GLY A 135 1.80 -31.65 4.79
CA GLY A 135 2.88 -31.94 3.86
C GLY A 135 2.88 -31.12 2.58
N GLU A 136 2.02 -30.10 2.45
CA GLU A 136 2.01 -29.31 1.23
C GLU A 136 2.99 -28.13 1.28
N PHE A 137 3.06 -27.42 2.41
CA PHE A 137 3.99 -26.31 2.60
C PHE A 137 5.08 -26.75 3.56
N LYS A 138 6.23 -26.09 3.51
CA LYS A 138 7.23 -26.32 4.55
C LYS A 138 7.10 -25.30 5.67
N ASN A 139 7.79 -25.60 6.77
CA ASN A 139 7.72 -24.78 7.99
C ASN A 139 8.97 -23.92 8.11
N ARG A 140 9.14 -23.05 7.13
CA ARG A 140 10.29 -22.16 7.11
C ARG A 140 10.21 -21.13 8.23
N SER A 141 9.00 -20.71 8.59
CA SER A 141 8.87 -19.56 9.49
C SER A 141 7.54 -19.63 10.23
N ASN A 142 7.43 -18.80 11.27
CA ASN A 142 6.17 -18.58 11.95
C ASN A 142 5.04 -18.31 10.94
N SER A 143 3.89 -18.97 11.13
CA SER A 143 2.78 -18.84 10.17
C SER A 143 2.11 -17.48 10.25
N THR A 144 2.18 -16.82 11.41
CA THR A 144 1.62 -15.47 11.54
C THR A 144 2.51 -14.45 10.86
N ASP A 145 3.81 -14.72 10.81
CA ASP A 145 4.72 -13.83 10.09
C ASP A 145 4.56 -14.00 8.58
N ILE A 146 4.48 -15.23 8.10
CA ILE A 146 4.23 -15.47 6.68
C ILE A 146 2.94 -14.76 6.26
N ALA A 147 1.87 -14.95 7.04
CA ALA A 147 0.57 -14.40 6.67
C ALA A 147 0.59 -12.87 6.69
N TRP A 148 1.23 -12.27 7.69
CA TRP A 148 1.33 -10.81 7.67
C TRP A 148 2.14 -10.34 6.48
N ARG A 149 3.13 -11.13 6.05
CA ARG A 149 3.92 -10.69 4.92
C ARG A 149 3.25 -10.99 3.59
N LEU A 150 2.45 -12.06 3.50
CA LEU A 150 1.68 -12.26 2.27
C LEU A 150 0.62 -11.16 2.11
N ILE A 151 0.00 -10.72 3.21
CA ILE A 151 -0.92 -9.59 3.13
C ILE A 151 -0.17 -8.34 2.70
N ALA A 152 1.01 -8.12 3.30
CA ALA A 152 1.82 -6.96 2.93
C ALA A 152 2.13 -6.97 1.45
N PHE A 153 2.43 -8.14 0.91
CA PHE A 153 2.89 -8.18 -0.46
C PHE A 153 1.74 -7.98 -1.44
N VAL A 154 0.60 -8.63 -1.21
CA VAL A 154 -0.50 -8.51 -2.16
C VAL A 154 -1.10 -7.11 -2.09
N CYS A 155 -1.10 -6.48 -0.90
CA CYS A 155 -1.56 -5.10 -0.83
C CYS A 155 -0.55 -4.16 -1.47
N GLY A 156 0.74 -4.40 -1.26
CA GLY A 156 1.76 -3.54 -1.85
C GLY A 156 1.84 -3.65 -3.35
N LEU A 157 1.60 -4.85 -3.90
CA LEU A 157 1.61 -5.00 -5.36
C LEU A 157 0.47 -4.21 -6.01
N GLU A 158 -0.70 -4.20 -5.37
CA GLU A 158 -1.79 -3.37 -5.84
C GLU A 158 -1.39 -1.90 -5.86
N GLY A 159 -0.92 -1.38 -4.73
CA GLY A 159 -0.52 0.02 -4.67
C GLY A 159 0.40 0.44 -5.78
N ILE A 160 1.38 -0.40 -6.12
CA ILE A 160 2.36 0.00 -7.14
C ILE A 160 1.72 -0.03 -8.52
N TYR A 161 0.79 -0.95 -8.75
CA TYR A 161 0.11 -0.99 -10.04
C TYR A 161 -0.82 0.22 -10.22
N LYS A 162 -1.19 0.88 -9.11
CA LYS A 162 -2.01 2.08 -9.12
C LYS A 162 -1.29 3.26 -9.74
N LEU A 163 0.03 3.22 -9.81
CA LEU A 163 0.79 4.39 -10.19
C LEU A 163 0.88 4.59 -11.69
N GLY A 164 0.55 3.57 -12.48
CA GLY A 164 0.95 3.59 -13.88
C GLY A 164 2.45 3.59 -14.10
N LEU A 165 3.18 2.77 -13.34
CA LEU A 165 4.63 2.81 -13.45
C LEU A 165 5.08 2.14 -14.74
N GLN A 166 6.16 2.68 -15.32
CA GLN A 166 6.65 2.19 -16.60
C GLN A 166 7.52 0.95 -16.38
N GLY A 167 7.27 -0.09 -17.17
CA GLY A 167 8.04 -1.30 -17.06
C GLY A 167 7.58 -2.22 -15.96
N LEU A 168 6.34 -2.08 -15.51
CA LEU A 168 5.75 -2.97 -14.51
C LEU A 168 4.37 -3.35 -15.02
N ALA A 169 4.26 -4.58 -15.55
CA ALA A 169 3.07 -5.04 -16.24
C ALA A 169 2.12 -5.73 -15.28
N GLU A 170 0.83 -5.40 -15.39
CA GLU A 170 -0.19 -5.91 -14.49
C GLU A 170 -0.53 -7.38 -14.74
N GLU A 171 -0.12 -7.94 -15.87
CA GLU A 171 -0.25 -9.37 -16.09
C GLU A 171 0.81 -10.17 -15.34
N ASP A 172 1.74 -9.49 -14.69
CA ASP A 172 2.67 -10.13 -13.77
C ASP A 172 2.15 -10.15 -12.34
N PHE A 173 0.87 -9.86 -12.11
CA PHE A 173 0.40 -9.89 -10.74
C PHE A 173 0.33 -11.33 -10.23
N LYS A 174 -0.37 -12.18 -10.97
CA LYS A 174 -0.41 -13.59 -10.60
C LYS A 174 1.00 -14.16 -10.52
N ARG A 175 1.90 -13.71 -11.40
CA ARG A 175 3.23 -14.29 -11.41
C ARG A 175 4.01 -13.88 -10.16
N HIS A 176 4.09 -12.59 -9.89
CA HIS A 176 4.84 -12.14 -8.72
C HIS A 176 4.25 -12.72 -7.44
N THR A 177 2.92 -12.79 -7.35
CA THR A 177 2.30 -13.33 -6.14
C THR A 177 2.70 -14.78 -5.94
N GLU A 178 2.37 -15.64 -6.92
CA GLU A 178 2.76 -17.04 -6.87
C GLU A 178 4.22 -17.19 -6.46
N ALA A 179 5.11 -16.34 -6.99
CA ALA A 179 6.53 -16.45 -6.68
C ALA A 179 6.80 -16.24 -5.19
N ILE A 180 6.21 -15.20 -4.59
CA ILE A 180 6.42 -14.94 -3.17
C ILE A 180 5.83 -16.07 -2.31
N ILE A 181 4.86 -16.81 -2.83
CA ILE A 181 4.31 -17.93 -2.07
C ILE A 181 5.29 -19.10 -2.06
N ARG A 182 5.89 -19.40 -3.21
CA ARG A 182 6.89 -20.48 -3.25
C ARG A 182 8.06 -20.18 -2.35
N LEU A 183 8.53 -18.93 -2.32
CA LEU A 183 9.66 -18.58 -1.48
C LEU A 183 9.33 -18.77 -0.01
N GLU A 184 8.11 -18.41 0.40
CA GLU A 184 7.77 -18.46 1.82
C GLU A 184 7.37 -19.85 2.29
N LEU A 185 6.84 -20.69 1.40
CA LEU A 185 6.14 -21.88 1.84
C LEU A 185 6.43 -23.14 1.05
N LEU A 186 7.14 -23.07 -0.07
CA LEU A 186 7.38 -24.27 -0.90
C LEU A 186 8.86 -24.54 -1.15
N ASP B 1 19.76 30.95 -14.74
CA ASP B 1 20.39 29.72 -14.25
C ASP B 1 20.63 29.91 -12.76
N GLN B 2 21.65 30.68 -12.43
CA GLN B 2 22.10 30.71 -11.03
C GLN B 2 21.04 31.32 -10.11
N ARG B 3 20.16 32.17 -10.62
CA ARG B 3 19.11 32.70 -9.74
C ARG B 3 17.94 31.75 -9.64
N ARG B 4 17.64 31.01 -10.70
CA ARG B 4 16.72 29.89 -10.60
C ARG B 4 17.18 28.88 -9.56
N GLU B 5 18.48 28.67 -9.43
CA GLU B 5 18.92 27.68 -8.47
C GLU B 5 18.83 28.20 -7.04
N MET B 6 19.09 29.49 -6.81
CA MET B 6 18.95 30.03 -5.45
C MET B 6 17.53 29.84 -4.95
N ILE B 7 16.55 29.99 -5.84
CA ILE B 7 15.15 29.82 -5.50
C ILE B 7 14.84 28.35 -5.25
N LEU B 8 15.39 27.47 -6.11
CA LEU B 8 15.26 26.04 -5.91
C LEU B 8 15.76 25.63 -4.54
N GLN B 9 17.02 25.96 -4.23
CA GLN B 9 17.59 25.61 -2.93
C GLN B 9 16.76 26.16 -1.79
N ALA B 10 16.11 27.31 -1.99
CA ALA B 10 15.23 27.84 -0.95
C ALA B 10 13.98 26.98 -0.81
N ALA B 11 13.40 26.55 -1.95
CA ALA B 11 12.24 25.68 -1.90
C ALA B 11 12.55 24.38 -1.16
N MET B 12 13.71 23.80 -1.41
CA MET B 12 14.09 22.54 -0.75
C MET B 12 14.20 22.69 0.75
N GLN B 13 14.67 23.84 1.24
CA GLN B 13 14.83 24.02 2.68
C GLN B 13 13.47 24.07 3.37
N ILE B 14 12.54 24.86 2.83
CA ILE B 14 11.19 24.84 3.36
C ILE B 14 10.64 23.42 3.30
N ALA B 15 10.83 22.75 2.16
CA ALA B 15 10.25 21.43 1.96
C ALA B 15 10.72 20.45 3.03
N LEU B 16 12.04 20.36 3.23
CA LEU B 16 12.60 19.38 4.16
C LEU B 16 12.12 19.61 5.58
N ALA B 17 12.15 20.87 6.02
CA ALA B 17 11.81 21.17 7.41
C ALA B 17 10.31 21.18 7.65
N GLU B 18 9.51 21.69 6.70
CA GLU B 18 8.10 21.95 6.95
C GLU B 18 7.13 21.19 6.05
N GLY B 19 7.48 20.95 4.80
CA GLY B 19 6.62 20.17 3.91
C GLY B 19 5.98 21.05 2.85
N PHE B 20 5.34 20.37 1.89
CA PHE B 20 4.84 21.01 0.68
C PHE B 20 3.91 22.19 1.00
N THR B 21 2.97 21.99 1.95
CA THR B 21 1.96 23.00 2.16
C THR B 21 2.57 24.36 2.49
N ALA B 22 3.73 24.37 3.16
CA ALA B 22 4.45 25.57 3.51
C ALA B 22 5.18 26.22 2.34
N MET B 23 5.11 25.65 1.13
CA MET B 23 5.91 26.14 0.01
C MET B 23 5.06 27.01 -0.91
N THR B 24 4.69 28.17 -0.39
CA THR B 24 4.02 29.19 -1.20
C THR B 24 5.09 30.12 -1.77
N VAL B 25 4.82 30.67 -2.96
CA VAL B 25 5.85 31.51 -3.57
C VAL B 25 6.10 32.74 -2.72
N ARG B 26 5.13 33.12 -1.90
CA ARG B 26 5.36 34.13 -0.86
C ARG B 26 6.49 33.70 0.06
N ARG B 27 6.44 32.45 0.52
CA ARG B 27 7.36 31.98 1.55
C ARG B 27 8.75 31.70 0.96
N ILE B 28 8.80 30.95 -0.15
CA ILE B 28 10.03 30.76 -0.91
C ILE B 28 10.74 32.09 -1.12
N ALA B 29 10.04 33.08 -1.71
CA ALA B 29 10.65 34.37 -2.05
C ALA B 29 11.35 35.01 -0.85
N THR B 30 10.66 35.07 0.28
CA THR B 30 11.26 35.58 1.52
C THR B 30 12.59 34.90 1.79
N GLU B 31 12.58 33.56 1.85
CA GLU B 31 13.78 32.81 2.22
C GLU B 31 14.87 32.90 1.15
N ALA B 32 14.50 32.87 -0.13
CA ALA B 32 15.45 33.14 -1.21
C ALA B 32 15.79 34.62 -1.37
N GLN B 33 15.25 35.49 -0.50
CA GLN B 33 15.47 36.94 -0.52
C GLN B 33 15.40 37.48 -1.95
N THR B 34 14.19 37.44 -2.51
CA THR B 34 13.91 37.95 -3.85
C THR B 34 12.45 38.37 -3.91
N SER B 35 11.98 38.68 -5.12
CA SER B 35 10.60 39.08 -5.30
C SER B 35 9.75 37.89 -5.71
N THR B 36 8.48 37.93 -5.31
CA THR B 36 7.50 37.00 -5.85
C THR B 36 7.44 37.09 -7.38
N GLY B 37 7.68 38.26 -7.96
CA GLY B 37 7.75 38.36 -9.41
C GLY B 37 8.85 37.50 -10.00
N GLN B 38 10.00 37.42 -9.30
CA GLN B 38 11.14 36.66 -9.81
C GLN B 38 10.87 35.17 -9.74
N VAL B 39 10.16 34.71 -8.70
CA VAL B 39 9.85 33.29 -8.62
C VAL B 39 9.00 32.86 -9.81
N HIS B 40 7.96 33.65 -10.10
CA HIS B 40 7.10 33.38 -11.26
C HIS B 40 7.84 33.46 -12.58
N HIS B 41 8.98 34.15 -12.64
CA HIS B 41 9.74 34.23 -13.88
C HIS B 41 10.44 32.91 -14.16
N HIS B 42 10.75 32.14 -13.12
CA HIS B 42 11.57 30.95 -13.29
C HIS B 42 10.79 29.64 -13.18
N PHE B 43 9.60 29.65 -12.56
CA PHE B 43 8.78 28.46 -12.43
C PHE B 43 7.32 28.79 -12.75
N SER B 44 6.65 27.88 -13.46
CA SER B 44 5.28 28.12 -13.91
C SER B 44 4.35 28.32 -12.72
N SER B 45 4.50 27.52 -11.69
CA SER B 45 3.58 27.60 -10.56
C SER B 45 4.25 27.04 -9.32
N ALA B 46 3.67 27.38 -8.16
CA ALA B 46 4.14 26.79 -6.92
C ALA B 46 4.18 25.27 -7.02
N SER B 47 3.26 24.67 -7.78
CA SER B 47 3.26 23.23 -7.95
C SER B 47 4.42 22.74 -8.80
N HIS B 48 4.82 23.53 -9.81
CA HIS B 48 6.01 23.17 -10.58
C HIS B 48 7.25 23.29 -9.72
N LEU B 49 7.37 24.38 -8.95
CA LEU B 49 8.50 24.53 -8.04
C LEU B 49 8.50 23.43 -6.98
N LYS B 50 7.32 23.00 -6.53
CA LYS B 50 7.23 21.97 -5.51
C LYS B 50 7.75 20.64 -6.03
N ALA B 51 7.35 20.27 -7.24
CA ALA B 51 7.74 18.99 -7.81
C ALA B 51 9.22 18.97 -8.17
N GLU B 52 9.71 20.09 -8.69
CA GLU B 52 11.10 20.19 -9.09
C GLU B 52 12.04 20.09 -7.88
N ALA B 53 11.67 20.76 -6.77
CA ALA B 53 12.41 20.65 -5.53
C ALA B 53 12.31 19.26 -4.92
N PHE B 54 11.14 18.61 -5.07
CA PHE B 54 11.01 17.25 -4.57
C PHE B 54 11.99 16.33 -5.27
N LEU B 55 12.22 16.53 -6.57
CA LEU B 55 13.16 15.69 -7.31
C LEU B 55 14.59 15.92 -6.86
N LYS B 56 15.02 17.19 -6.74
CA LYS B 56 16.36 17.51 -6.27
C LYS B 56 16.65 16.89 -4.91
N LEU B 57 15.64 16.88 -4.03
CA LEU B 57 15.80 16.35 -2.69
C LEU B 57 15.91 14.84 -2.72
N MET B 58 15.30 14.20 -3.72
CA MET B 58 15.44 12.75 -3.87
C MET B 58 16.81 12.41 -4.46
N GLU B 59 17.29 13.20 -5.43
CA GLU B 59 18.67 13.05 -5.86
C GLU B 59 19.60 13.23 -4.67
N GLN B 60 19.29 14.18 -3.80
CA GLN B 60 20.12 14.45 -2.62
C GLN B 60 20.06 13.31 -1.62
N LEU B 61 18.87 12.72 -1.40
CA LEU B 61 18.80 11.56 -0.52
C LEU B 61 19.62 10.40 -1.08
N ASP B 62 19.57 10.21 -2.40
CA ASP B 62 20.40 9.23 -3.08
C ASP B 62 21.88 9.42 -2.74
N GLU B 63 22.42 10.64 -2.95
CA GLU B 63 23.82 10.93 -2.71
C GLU B 63 24.23 10.81 -1.25
N ILE B 64 23.29 10.92 -0.32
CA ILE B 64 23.69 10.71 1.07
C ILE B 64 23.89 9.23 1.35
N GLU B 65 23.10 8.38 0.70
CA GLU B 65 23.11 6.95 1.01
C GLU B 65 24.35 6.26 0.49
N GLN B 66 24.98 6.79 -0.55
CA GLN B 66 26.26 6.27 -1.00
C GLN B 66 27.43 6.89 -0.24
N THR B 67 27.17 7.68 0.79
CA THR B 67 28.21 8.13 1.69
C THR B 67 28.23 7.34 2.99
N LEU B 68 27.19 6.56 3.26
CA LEU B 68 27.20 5.64 4.39
C LEU B 68 27.89 4.34 3.97
N GLN B 69 29.13 4.18 4.45
CA GLN B 69 29.95 3.05 4.04
C GLN B 69 29.29 1.74 4.47
N THR B 70 29.23 0.79 3.54
CA THR B 70 28.62 -0.49 3.81
C THR B 70 29.65 -1.60 3.62
N THR B 71 29.39 -2.72 4.30
CA THR B 71 30.25 -3.89 4.22
C THR B 71 29.92 -4.78 3.02
N SER B 72 28.64 -4.82 2.62
CA SER B 72 28.17 -5.71 1.55
C SER B 72 26.98 -5.04 0.85
N GLN B 73 26.36 -5.77 -0.07
CA GLN B 73 25.15 -5.27 -0.71
C GLN B 73 23.89 -5.55 0.13
N PHE B 74 23.87 -6.65 0.87
CA PHE B 74 22.72 -6.96 1.70
C PHE B 74 22.42 -5.83 2.69
N GLN B 75 23.44 -5.33 3.39
CA GLN B 75 23.14 -4.18 4.25
C GLN B 75 22.92 -2.90 3.43
N ARG B 76 23.45 -2.84 2.20
CA ARG B 76 23.15 -1.73 1.31
C ARG B 76 21.67 -1.73 0.90
N LEU B 77 21.09 -2.94 0.72
CA LEU B 77 19.66 -3.05 0.42
C LEU B 77 18.83 -2.53 1.58
N PHE B 78 19.23 -2.81 2.82
CA PHE B 78 18.51 -2.31 3.99
C PHE B 78 18.46 -0.79 4.00
N ILE B 79 19.55 -0.15 3.56
CA ILE B 79 19.56 1.30 3.40
C ILE B 79 18.63 1.71 2.27
N LEU B 80 18.74 1.03 1.13
CA LEU B 80 17.95 1.39 -0.04
C LEU B 80 16.45 1.22 0.21
N LEU B 81 16.05 0.24 1.02
CA LEU B 81 14.65 -0.06 1.24
C LEU B 81 14.04 0.73 2.40
N GLY B 82 14.81 1.64 3.00
CA GLY B 82 14.34 2.47 4.09
C GLY B 82 14.25 1.77 5.43
N ALA B 83 14.47 0.46 5.48
CA ALA B 83 14.20 -0.32 6.68
C ALA B 83 15.29 -0.17 7.74
N GLU B 84 16.02 0.95 7.71
CA GLU B 84 17.11 1.14 8.65
C GLU B 84 16.99 2.38 9.52
N ASN B 85 16.24 3.40 9.09
CA ASN B 85 15.89 4.54 9.95
C ASN B 85 17.16 5.26 10.45
N ILE B 86 17.77 6.02 9.53
CA ILE B 86 18.84 6.96 9.86
C ILE B 86 18.22 8.31 10.19
N ASP B 87 18.73 8.95 11.25
CA ASP B 87 18.18 10.24 11.67
C ASP B 87 18.35 11.31 10.59
N ARG B 88 19.53 11.36 9.96
CA ARG B 88 19.77 12.34 8.90
C ARG B 88 18.72 12.23 7.80
N LEU B 89 18.32 11.00 7.46
CA LEU B 89 17.49 10.71 6.29
C LEU B 89 16.00 10.82 6.55
N GLN B 90 15.58 11.02 7.80
CA GLN B 90 14.15 11.08 8.12
C GLN B 90 13.38 12.05 7.24
N PRO B 91 13.74 13.35 7.18
CA PRO B 91 12.84 14.30 6.50
C PRO B 91 12.75 14.05 5.01
N TYR B 92 13.77 13.44 4.39
CA TYR B 92 13.61 13.02 3.01
C TYR B 92 12.54 11.95 2.91
N LEU B 93 12.59 10.95 3.80
CA LEU B 93 11.54 9.95 3.85
C LEU B 93 10.18 10.60 4.13
N ARG B 94 10.11 11.45 5.17
CA ARG B 94 8.88 12.19 5.45
C ARG B 94 8.33 12.84 4.19
N LEU B 95 9.15 13.63 3.49
CA LEU B 95 8.69 14.26 2.26
C LEU B 95 8.23 13.27 1.21
N TRP B 96 8.86 12.07 1.16
CA TRP B 96 8.47 11.08 0.16
C TRP B 96 7.03 10.64 0.36
N ASN B 97 6.63 10.45 1.62
CA ASN B 97 5.28 10.00 1.92
C ASN B 97 4.27 11.12 1.70
N GLU B 98 4.59 12.32 2.18
CA GLU B 98 3.81 13.51 1.84
C GLU B 98 3.53 13.58 0.35
N ALA B 99 4.58 13.41 -0.46
CA ALA B 99 4.39 13.44 -1.91
C ALA B 99 3.46 12.31 -2.36
N GLU B 100 3.51 11.16 -1.69
CA GLU B 100 2.68 10.05 -2.13
C GLU B 100 1.20 10.41 -2.12
N LEU B 101 0.76 11.16 -1.11
CA LEU B 101 -0.66 11.47 -1.02
C LEU B 101 -1.06 12.62 -1.93
N LEU B 102 -0.09 13.38 -2.44
CA LEU B 102 -0.39 14.50 -3.32
C LEU B 102 -0.36 14.12 -4.79
N ILE B 103 -0.38 12.82 -5.11
CA ILE B 103 -0.23 12.46 -6.52
C ILE B 103 -1.57 12.40 -7.25
N GLU B 104 -2.70 12.47 -6.54
CA GLU B 104 -3.99 12.52 -7.19
C GLU B 104 -4.62 13.90 -7.17
N GLN B 105 -3.94 14.90 -6.62
CA GLN B 105 -4.38 16.28 -6.71
C GLN B 105 -3.50 17.16 -7.56
N ASP B 106 -2.26 16.74 -7.82
CA ASP B 106 -1.23 17.59 -8.43
C ASP B 106 -0.49 16.81 -9.51
N ILE B 107 -0.67 17.21 -10.77
CA ILE B 107 -0.05 16.50 -11.88
C ILE B 107 1.47 16.61 -11.83
N GLU B 108 1.99 17.73 -11.29
CA GLU B 108 3.43 17.92 -11.22
C GLU B 108 4.07 16.96 -10.23
N ILE B 109 3.55 16.94 -9.00
CA ILE B 109 4.11 16.04 -8.01
C ILE B 109 3.87 14.60 -8.42
N GLN B 110 2.80 14.33 -9.16
CA GLN B 110 2.58 12.96 -9.65
C GLN B 110 3.66 12.53 -10.62
N LYS B 111 4.07 13.43 -11.52
CA LYS B 111 5.13 13.08 -12.46
C LYS B 111 6.44 12.83 -11.72
N ALA B 112 6.81 13.73 -10.80
CA ALA B 112 8.04 13.56 -10.05
C ALA B 112 8.02 12.29 -9.22
N TYR B 113 6.89 12.02 -8.56
CA TYR B 113 6.78 10.81 -7.75
C TYR B 113 7.06 9.57 -8.58
N ASN B 114 6.56 9.51 -9.82
CA ASN B 114 6.86 8.34 -10.64
C ASN B 114 8.34 8.28 -11.01
N LEU B 115 8.93 9.42 -11.40
CA LEU B 115 10.35 9.41 -11.73
C LEU B 115 11.20 8.94 -10.55
N ALA B 116 10.87 9.39 -9.35
CA ALA B 116 11.64 9.01 -8.18
C ALA B 116 11.52 7.52 -7.90
N MET B 117 10.29 6.99 -7.97
CA MET B 117 10.08 5.55 -7.82
C MET B 117 10.82 4.75 -8.88
N GLN B 118 10.90 5.28 -10.10
CA GLN B 118 11.61 4.58 -11.16
C GLN B 118 13.13 4.61 -10.96
N SER B 119 13.68 5.68 -10.38
CA SER B 119 15.10 5.62 -10.04
C SER B 119 15.37 4.78 -8.80
N TRP B 120 14.45 4.80 -7.82
CA TRP B 120 14.50 3.88 -6.69
C TRP B 120 14.68 2.45 -7.16
N HIS B 121 13.85 2.03 -8.12
CA HIS B 121 13.88 0.68 -8.65
C HIS B 121 15.22 0.40 -9.33
N GLN B 122 15.66 1.30 -10.21
CA GLN B 122 16.98 1.20 -10.83
C GLN B 122 18.05 0.92 -9.79
N ALA B 123 18.07 1.71 -8.71
CA ALA B 123 19.07 1.53 -7.67
C ALA B 123 18.97 0.14 -7.06
N ILE B 124 17.76 -0.27 -6.68
CA ILE B 124 17.60 -1.59 -6.10
C ILE B 124 17.99 -2.67 -7.11
N VAL B 125 17.69 -2.44 -8.40
CA VAL B 125 18.13 -3.38 -9.42
C VAL B 125 19.64 -3.45 -9.44
N GLN B 126 20.29 -2.30 -9.37
CA GLN B 126 21.74 -2.28 -9.48
C GLN B 126 22.42 -2.88 -8.25
N SER B 127 21.82 -2.74 -7.06
CA SER B 127 22.43 -3.30 -5.86
C SER B 127 22.22 -4.80 -5.79
N ILE B 128 21.15 -5.30 -6.40
CA ILE B 128 20.98 -6.74 -6.52
C ILE B 128 22.05 -7.32 -7.43
N GLU B 129 22.44 -6.59 -8.47
CA GLU B 129 23.37 -7.16 -9.45
C GLU B 129 24.82 -7.00 -9.05
N CYS B 130 25.13 -6.06 -8.15
CA CYS B 130 26.44 -6.06 -7.50
C CYS B 130 26.62 -7.33 -6.68
N GLY B 131 25.81 -7.49 -5.64
CA GLY B 131 25.81 -8.71 -4.85
C GLY B 131 25.83 -9.99 -5.68
N GLN B 132 25.09 -10.04 -6.79
CA GLN B 132 25.04 -11.28 -7.57
C GLN B 132 26.41 -11.59 -8.18
N LYS B 133 27.13 -10.56 -8.61
CA LYS B 133 28.41 -10.81 -9.26
C LYS B 133 29.54 -10.95 -8.25
N GLU B 134 29.40 -10.30 -7.09
CA GLU B 134 30.38 -10.51 -6.00
C GLU B 134 30.20 -11.86 -5.29
N GLY B 135 29.36 -12.75 -5.84
CA GLY B 135 29.10 -14.04 -5.25
C GLY B 135 28.16 -14.06 -4.07
N GLU B 136 27.68 -12.88 -3.62
CA GLU B 136 26.90 -12.79 -2.40
C GLU B 136 25.41 -13.10 -2.61
N PHE B 137 24.89 -12.92 -3.83
CA PHE B 137 23.47 -13.10 -4.08
C PHE B 137 23.30 -14.22 -5.08
N LYS B 138 22.26 -15.04 -4.87
CA LYS B 138 21.89 -16.03 -5.87
C LYS B 138 21.24 -15.36 -7.08
N ASN B 139 21.14 -16.10 -8.18
CA ASN B 139 20.36 -15.57 -9.29
C ASN B 139 19.13 -16.43 -9.54
N ARG B 140 18.29 -16.55 -8.51
CA ARG B 140 17.04 -17.28 -8.67
C ARG B 140 16.12 -16.62 -9.69
N SER B 141 16.05 -15.28 -9.70
CA SER B 141 15.13 -14.58 -10.58
C SER B 141 15.81 -13.37 -11.21
N ASN B 142 15.07 -12.70 -12.10
CA ASN B 142 15.50 -11.42 -12.66
C ASN B 142 15.77 -10.44 -11.54
N SER B 143 16.85 -9.67 -11.70
CA SER B 143 17.07 -8.56 -10.78
C SER B 143 15.89 -7.58 -10.81
N THR B 144 15.30 -7.32 -11.99
CA THR B 144 14.16 -6.40 -12.07
C THR B 144 12.94 -6.96 -11.36
N ASP B 145 12.75 -8.28 -11.43
CA ASP B 145 11.61 -8.90 -10.74
C ASP B 145 11.76 -8.77 -9.23
N ILE B 146 12.90 -9.22 -8.70
CA ILE B 146 13.15 -9.10 -7.28
C ILE B 146 13.04 -7.64 -6.84
N ALA B 147 13.49 -6.71 -7.69
CA ALA B 147 13.51 -5.31 -7.28
C ALA B 147 12.11 -4.74 -7.14
N TRP B 148 11.21 -5.04 -8.09
CA TRP B 148 9.82 -4.59 -7.98
C TRP B 148 9.14 -5.26 -6.79
N ARG B 149 9.40 -6.56 -6.57
CA ARG B 149 8.75 -7.26 -5.46
C ARG B 149 9.27 -6.78 -4.14
N LEU B 150 10.51 -6.29 -4.10
CA LEU B 150 11.00 -5.70 -2.87
C LEU B 150 10.33 -4.34 -2.62
N ILE B 151 10.07 -3.59 -3.68
CA ILE B 151 9.36 -2.32 -3.54
C ILE B 151 7.92 -2.57 -3.08
N ALA B 152 7.20 -3.44 -3.80
CA ALA B 152 5.83 -3.76 -3.40
C ALA B 152 5.76 -4.20 -1.94
N PHE B 153 6.79 -4.89 -1.45
CA PHE B 153 6.68 -5.41 -0.10
C PHE B 153 6.82 -4.32 0.94
N VAL B 154 7.76 -3.38 0.75
CA VAL B 154 7.99 -2.37 1.80
C VAL B 154 6.86 -1.35 1.82
N CYS B 155 6.44 -0.87 0.64
CA CYS B 155 5.24 -0.05 0.58
C CYS B 155 4.06 -0.80 1.19
N GLY B 156 3.88 -2.06 0.83
CA GLY B 156 2.78 -2.85 1.37
C GLY B 156 2.85 -3.00 2.88
N LEU B 157 4.05 -2.95 3.44
CA LEU B 157 4.18 -3.07 4.90
C LEU B 157 3.86 -1.77 5.60
N GLU B 158 4.42 -0.65 5.15
CA GLU B 158 4.03 0.62 5.77
C GLU B 158 2.54 0.86 5.65
N GLY B 159 1.92 0.42 4.55
CA GLY B 159 0.48 0.53 4.43
C GLY B 159 -0.27 -0.21 5.52
N ILE B 160 0.10 -1.46 5.77
CA ILE B 160 -0.61 -2.23 6.77
C ILE B 160 -0.41 -1.61 8.16
N TYR B 161 0.80 -1.13 8.43
CA TYR B 161 1.06 -0.44 9.69
C TYR B 161 0.11 0.72 9.89
N LYS B 162 -0.19 1.45 8.81
CA LYS B 162 -0.99 2.67 8.89
C LYS B 162 -2.37 2.42 9.49
N LEU B 163 -2.91 1.21 9.36
CA LEU B 163 -4.24 0.86 9.80
C LEU B 163 -4.39 0.64 11.30
N GLY B 164 -3.29 0.66 12.07
CA GLY B 164 -3.45 0.34 13.48
C GLY B 164 -4.12 -1.01 13.68
N LEU B 165 -3.82 -1.97 12.81
CA LEU B 165 -4.34 -3.31 12.97
C LEU B 165 -3.86 -3.89 14.29
N GLN B 166 -4.79 -4.48 15.04
CA GLN B 166 -4.43 -5.15 16.29
C GLN B 166 -3.47 -6.32 16.02
N GLY B 167 -2.53 -6.53 16.95
CA GLY B 167 -1.59 -7.62 16.77
C GLY B 167 -0.60 -7.44 15.65
N LEU B 168 -0.47 -6.23 15.09
CA LEU B 168 0.62 -5.95 14.15
C LEU B 168 1.55 -4.94 14.81
N ALA B 169 2.83 -5.27 14.85
CA ALA B 169 3.82 -4.46 15.54
C ALA B 169 4.76 -3.77 14.56
N GLU B 170 4.88 -2.45 14.69
CA GLU B 170 5.74 -1.67 13.81
C GLU B 170 7.23 -1.96 14.03
N GLU B 171 7.57 -2.55 15.19
CA GLU B 171 8.95 -2.96 15.48
C GLU B 171 9.47 -3.86 14.37
N ASP B 172 8.64 -4.84 13.98
CA ASP B 172 9.03 -5.96 13.12
C ASP B 172 9.40 -5.58 11.68
N PHE B 173 9.31 -4.29 11.35
CA PHE B 173 9.54 -3.87 9.96
C PHE B 173 10.90 -4.33 9.46
N LYS B 174 11.96 -4.03 10.21
CA LYS B 174 13.30 -4.45 9.82
C LYS B 174 13.43 -5.97 9.84
N ARG B 175 12.73 -6.63 10.77
CA ARG B 175 12.70 -8.09 10.75
C ARG B 175 12.09 -8.60 9.47
N HIS B 176 10.88 -8.12 9.12
CA HIS B 176 10.18 -8.67 7.96
C HIS B 176 10.90 -8.35 6.67
N THR B 177 11.55 -7.18 6.61
CA THR B 177 12.38 -6.84 5.46
C THR B 177 13.58 -7.76 5.36
N GLU B 178 14.28 -7.99 6.48
CA GLU B 178 15.38 -8.94 6.48
C GLU B 178 14.96 -10.31 5.94
N ALA B 179 13.76 -10.78 6.33
CA ALA B 179 13.34 -12.10 5.87
C ALA B 179 13.09 -12.10 4.37
N ILE B 180 12.41 -11.07 3.86
CA ILE B 180 12.11 -11.01 2.43
C ILE B 180 13.40 -11.00 1.61
N ILE B 181 14.38 -10.19 2.01
CA ILE B 181 15.67 -10.16 1.29
C ILE B 181 16.34 -11.55 1.28
N ARG B 182 16.29 -12.26 2.41
CA ARG B 182 16.89 -13.59 2.46
C ARG B 182 16.18 -14.57 1.53
N LEU B 183 14.84 -14.63 1.58
CA LEU B 183 14.14 -15.51 0.66
C LEU B 183 14.50 -15.23 -0.79
N GLU B 184 14.75 -13.95 -1.13
CA GLU B 184 14.91 -13.57 -2.53
C GLU B 184 16.34 -13.80 -3.01
N LEU B 185 17.34 -13.45 -2.21
CA LEU B 185 18.67 -13.23 -2.77
C LEU B 185 19.80 -13.98 -2.07
N LEU B 186 19.73 -14.20 -0.76
CA LEU B 186 20.76 -15.00 -0.09
C LEU B 186 20.37 -16.47 -0.13
N1 SPD C . -10.52 -12.75 0.58
C2 SPD C . -9.77 -11.86 -0.29
C3 SPD C . -9.43 -10.58 0.47
C4 SPD C . -8.86 -9.49 -0.43
C5 SPD C . -8.61 -8.21 0.33
N6 SPD C . -7.85 -7.32 -0.52
C7 SPD C . -8.33 -5.95 -0.34
C8 SPD C . -7.28 -5.18 0.46
C9 SPD C . -7.38 -3.67 0.25
N10 SPD C . -6.49 -3.27 -0.84
N1 SPD D . 16.25 5.08 -0.31
C2 SPD D . 15.06 4.88 0.49
C3 SPD D . 13.85 5.37 -0.32
C4 SPD D . 12.55 4.70 0.13
C5 SPD D . 11.31 5.49 -0.33
N6 SPD D . 10.16 5.10 0.48
C7 SPD D . 8.94 5.02 -0.33
C8 SPD D . 7.73 5.15 0.59
C9 SPD D . 6.38 4.98 -0.11
N10 SPD D . 5.29 5.38 0.77
#